data_4EE8
#
_entry.id   4EE8
#
_cell.length_a   60.690
_cell.length_b   78.320
_cell.length_c   83.820
_cell.angle_alpha   90.00
_cell.angle_beta   90.00
_cell.angle_gamma   90.00
#
_symmetry.space_group_name_H-M   'P 21 21 21'
#
loop_
_entity.id
_entity.type
_entity.pdbx_description
1 polymer Prenyltransferase
2 non-polymer 'SULFATE ION'
3 non-polymer 'CHLORIDE ION'
4 non-polymer 'ACETATE ION'
5 non-polymer '4-(2-HYDROXYETHYL)-1-PIPERAZINE ETHANESULFONIC ACID'
6 water water
#
_entity_poly.entity_id   1
_entity_poly.type   'polypeptide(L)'
_entity_poly.pdbx_seq_one_letter_code
;GSMSESADLTELYSIIEKTAQVVDVTASHDKVWPILNAFQDVIADSVISFRASTGSSADDLDCRFTMLPKGLDPYARALE
HGLTPKTDHPVGSLLKEVHENLPITSCGVDFGVAGGFTKTWSFPSAEKLGKVSELVKLPSIPDAVAANRDFFEKWGIADM
VSTVGIDYSKRTMNLYFGGGVGDRVPAGVFEEKGVRAILGELGLAAPSEELLKFCERSFVIYVTLSWDSPKINRFTYSVM
TPEPLGLPVDLAPTFERLIKSAPYDTEGRNYVYGIASTPKGEYHKIASYYQWQKRVEKLLRSDG
;
_entity_poly.pdbx_strand_id   A
#
# COMPACT_ATOMS: atom_id res chain seq x y z
N GLU A 5 -9.39 23.42 -11.89
CA GLU A 5 -10.61 22.66 -12.27
C GLU A 5 -11.50 22.40 -11.03
N SER A 6 -12.42 23.35 -10.77
CA SER A 6 -13.41 23.23 -9.71
C SER A 6 -14.21 21.94 -9.87
N ALA A 7 -14.78 21.77 -11.08
CA ALA A 7 -15.60 20.59 -11.42
C ALA A 7 -14.80 19.29 -11.69
N ASP A 8 -13.48 19.35 -11.85
CA ASP A 8 -12.65 18.11 -11.81
C ASP A 8 -12.67 17.55 -10.39
N LEU A 9 -12.45 18.38 -9.37
CA LEU A 9 -12.54 17.87 -7.99
C LEU A 9 -13.96 17.43 -7.65
N THR A 10 -14.96 18.19 -8.06
CA THR A 10 -16.37 17.82 -7.76
C THR A 10 -16.73 16.46 -8.36
N GLU A 11 -16.30 16.25 -9.61
CA GLU A 11 -16.49 14.96 -10.30
C GLU A 11 -15.75 13.82 -9.59
N LEU A 12 -14.52 14.09 -9.15
CA LEU A 12 -13.71 13.09 -8.43
C LEU A 12 -14.41 12.72 -7.11
N TYR A 13 -14.93 13.71 -6.40
CA TYR A 13 -15.62 13.42 -5.14
C TYR A 13 -16.81 12.53 -5.42
N SER A 14 -17.55 12.83 -6.49
CA SER A 14 -18.69 12.00 -6.88
C SER A 14 -18.28 10.53 -7.13
N ILE A 15 -17.16 10.32 -7.82
CA ILE A 15 -16.65 8.96 -8.08
C ILE A 15 -16.32 8.29 -6.74
N ILE A 16 -15.69 9.04 -5.86
CA ILE A 16 -15.29 8.52 -4.58
C ILE A 16 -16.51 8.09 -3.77
N GLU A 17 -17.52 8.95 -3.73
CA GLU A 17 -18.74 8.68 -2.92
C GLU A 17 -19.53 7.46 -3.44
N LYS A 18 -19.71 7.38 -4.75
CA LYS A 18 -20.38 6.24 -5.37
C LYS A 18 -19.59 4.94 -5.14
N THR A 19 -18.27 5.00 -5.28
CA THR A 19 -17.44 3.79 -5.08
C THR A 19 -17.52 3.31 -3.62
N ALA A 20 -17.42 4.25 -2.68
CA ALA A 20 -17.63 3.91 -1.27
C ALA A 20 -18.98 3.22 -1.05
N GLN A 21 -20.02 3.76 -1.65
CA GLN A 21 -21.37 3.21 -1.51
C GLN A 21 -21.48 1.80 -2.07
N VAL A 22 -20.81 1.51 -3.18
CA VAL A 22 -20.77 0.12 -3.69
C VAL A 22 -20.27 -0.85 -2.62
N VAL A 23 -19.30 -0.47 -1.80
CA VAL A 23 -18.81 -1.39 -0.76
C VAL A 23 -19.37 -1.10 0.64
N ASP A 24 -20.51 -0.39 0.64
CA ASP A 24 -21.33 -0.12 1.81
C ASP A 24 -20.59 0.72 2.85
N VAL A 25 -19.96 1.78 2.37
CA VAL A 25 -19.26 2.77 3.22
C VAL A 25 -19.84 4.13 2.82
N THR A 26 -20.25 4.90 3.81
CA THR A 26 -20.68 6.27 3.60
C THR A 26 -19.47 7.18 3.66
N ALA A 27 -19.18 7.88 2.55
CA ALA A 27 -18.08 8.81 2.47
C ALA A 27 -18.41 10.06 3.28
N SER A 28 -17.38 10.66 3.88
CA SER A 28 -17.50 11.90 4.64
C SER A 28 -16.85 13.04 3.86
N HIS A 29 -17.67 13.95 3.33
CA HIS A 29 -17.18 15.09 2.55
C HIS A 29 -16.23 15.93 3.40
N ASP A 30 -16.54 16.00 4.69
CA ASP A 30 -15.72 16.77 5.63
C ASP A 30 -14.29 16.21 5.80
N LYS A 31 -14.09 14.95 5.49
CA LYS A 31 -12.75 14.35 5.51
C LYS A 31 -12.08 14.34 4.11
N VAL A 32 -12.88 14.07 3.08
CA VAL A 32 -12.35 13.91 1.75
C VAL A 32 -12.06 15.24 1.09
N TRP A 33 -12.99 16.17 1.17
CA TRP A 33 -12.88 17.43 0.41
C TRP A 33 -11.64 18.26 0.73
N PRO A 34 -11.29 18.43 2.03
CA PRO A 34 -10.05 19.12 2.38
C PRO A 34 -8.79 18.49 1.76
N ILE A 35 -8.83 17.19 1.60
CA ILE A 35 -7.65 16.45 1.07
C ILE A 35 -7.54 16.63 -0.44
N LEU A 36 -8.67 16.53 -1.12
CA LEU A 36 -8.71 16.75 -2.54
C LEU A 36 -8.27 18.17 -2.83
N ASN A 37 -8.69 19.12 -1.99
CA ASN A 37 -8.22 20.49 -2.19
C ASN A 37 -6.75 20.71 -1.93
N ALA A 38 -6.24 20.11 -0.84
CA ALA A 38 -4.84 20.21 -0.44
C ALA A 38 -3.85 19.64 -1.49
N PHE A 39 -4.27 18.61 -2.20
CA PHE A 39 -3.42 17.95 -3.20
C PHE A 39 -3.92 18.16 -4.64
N GLN A 40 -4.75 19.18 -4.86
CA GLN A 40 -5.36 19.43 -6.18
C GLN A 40 -4.30 19.52 -7.29
N ASP A 41 -3.16 20.12 -6.97
CA ASP A 41 -2.10 20.34 -7.96
C ASP A 41 -1.40 19.06 -8.44
N VAL A 42 -1.59 17.92 -7.77
CA VAL A 42 -0.89 16.66 -8.13
C VAL A 42 -1.83 15.51 -8.49
N ILE A 43 -3.14 15.75 -8.46
CA ILE A 43 -4.12 14.71 -8.76
C ILE A 43 -4.16 14.31 -10.26
N ALA A 44 -4.14 15.27 -11.18
CA ALA A 44 -4.27 14.98 -12.62
C ALA A 44 -3.21 14.00 -13.15
N ASP A 45 -2.00 14.06 -12.61
CA ASP A 45 -0.86 13.26 -13.05
C ASP A 45 -0.63 12.05 -12.16
N SER A 46 -1.49 11.86 -11.16
CA SER A 46 -1.35 10.73 -10.26
C SER A 46 -2.03 9.45 -10.81
N VAL A 47 -1.68 8.34 -10.15
CA VAL A 47 -2.36 7.07 -10.31
C VAL A 47 -3.30 6.93 -9.13
N ILE A 48 -4.57 6.73 -9.42
CA ILE A 48 -5.64 6.73 -8.43
C ILE A 48 -6.29 5.36 -8.41
N SER A 49 -6.37 4.76 -7.23
CA SER A 49 -7.07 3.52 -7.03
C SER A 49 -7.79 3.55 -5.69
N PHE A 50 -8.77 2.65 -5.57
CA PHE A 50 -9.70 2.64 -4.45
C PHE A 50 -9.68 1.23 -3.90
N ARG A 51 -9.45 1.11 -2.61
CA ARG A 51 -9.18 -0.18 -2.02
C ARG A 51 -10.21 -0.50 -0.94
N ALA A 52 -10.84 -1.66 -1.10
CA ALA A 52 -11.74 -2.25 -0.12
C ALA A 52 -11.00 -3.39 0.62
N SER A 53 -11.54 -3.72 1.80
CA SER A 53 -10.96 -4.71 2.69
C SER A 53 -12.01 -5.59 3.37
N THR A 54 -11.60 -6.79 3.76
CA THR A 54 -12.40 -7.62 4.63
C THR A 54 -11.86 -7.43 6.08
N GLY A 55 -12.50 -8.06 7.06
CA GLY A 55 -12.10 -7.82 8.45
C GLY A 55 -12.39 -6.39 8.90
N SER A 56 -11.63 -5.89 9.88
CA SER A 56 -11.98 -4.64 10.58
C SER A 56 -12.00 -3.41 9.65
N SER A 57 -11.10 -3.39 8.67
CA SER A 57 -11.04 -2.29 7.69
C SER A 57 -12.20 -2.27 6.67
N ALA A 58 -13.13 -3.21 6.77
CA ALA A 58 -14.31 -3.22 5.91
C ALA A 58 -15.20 -2.01 6.10
N ASP A 59 -14.95 -1.24 7.17
CA ASP A 59 -15.75 -0.08 7.51
C ASP A 59 -15.25 1.17 6.79
N ASP A 60 -14.25 1.06 5.92
CA ASP A 60 -13.79 2.23 5.17
C ASP A 60 -13.33 1.84 3.76
N LEU A 61 -13.27 2.82 2.87
CA LEU A 61 -12.66 2.66 1.54
C LEU A 61 -11.41 3.55 1.52
N ASP A 62 -10.28 2.97 1.16
CA ASP A 62 -9.03 3.71 1.00
C ASP A 62 -8.92 4.25 -0.42
N CYS A 63 -8.59 5.52 -0.51
CA CYS A 63 -8.34 6.21 -1.76
C CYS A 63 -6.85 6.52 -1.82
N ARG A 64 -6.19 6.03 -2.85
CA ARG A 64 -4.72 6.11 -3.00
C ARG A 64 -4.37 6.93 -4.22
N PHE A 65 -3.46 7.90 -4.04
CA PHE A 65 -2.98 8.77 -5.10
C PHE A 65 -1.48 8.59 -5.12
N THR A 66 -0.94 7.94 -6.16
CA THR A 66 0.48 7.54 -6.16
C THR A 66 1.22 8.10 -7.36
N MET A 67 2.55 7.94 -7.33
CA MET A 67 3.40 8.41 -8.39
C MET A 67 3.31 9.92 -8.52
N LEU A 68 3.25 10.55 -7.35
CA LEU A 68 3.23 12.01 -7.23
C LEU A 68 4.67 12.49 -7.40
N PRO A 69 4.90 13.82 -7.55
CA PRO A 69 6.22 14.32 -7.94
C PRO A 69 7.33 14.12 -6.92
N LYS A 70 8.55 14.08 -7.43
CA LYS A 70 9.74 13.87 -6.62
C LYS A 70 9.88 14.93 -5.53
N GLY A 71 9.68 16.18 -5.90
CA GLY A 71 9.84 17.28 -4.96
C GLY A 71 8.76 17.40 -3.89
N LEU A 72 7.69 16.62 -3.97
CA LEU A 72 6.60 16.77 -2.98
C LEU A 72 6.96 16.07 -1.67
N ASP A 73 6.78 16.76 -0.54
CA ASP A 73 6.70 16.11 0.78
C ASP A 73 5.22 16.09 1.13
N PRO A 74 4.59 14.92 0.96
CA PRO A 74 3.16 14.83 1.12
C PRO A 74 2.76 14.88 2.62
N TYR A 75 3.64 14.47 3.52
CA TYR A 75 3.30 14.59 4.98
C TYR A 75 3.32 16.06 5.42
N ALA A 76 4.38 16.76 5.05
CA ALA A 76 4.46 18.23 5.24
C ALA A 76 3.23 18.95 4.66
N ARG A 77 2.81 18.56 3.45
CA ARG A 77 1.61 19.13 2.87
C ARG A 77 0.36 18.86 3.75
N ALA A 78 0.17 17.62 4.16
CA ALA A 78 -0.96 17.25 5.03
C ALA A 78 -0.96 18.07 6.33
N LEU A 79 0.21 18.21 6.95
CA LEU A 79 0.36 18.98 8.20
C LEU A 79 -0.01 20.44 8.02
N GLU A 80 0.49 21.03 6.94
CA GLU A 80 0.19 22.43 6.60
C GLU A 80 -1.28 22.69 6.42
N HIS A 81 -2.01 21.72 5.91
CA HIS A 81 -3.44 21.88 5.67
C HIS A 81 -4.31 21.32 6.79
N GLY A 82 -3.70 20.95 7.92
CA GLY A 82 -4.45 20.40 9.06
C GLY A 82 -5.12 19.05 8.87
N LEU A 83 -4.61 18.22 7.98
CA LEU A 83 -5.27 16.96 7.65
C LEU A 83 -4.84 15.79 8.52
N THR A 84 -3.77 16.00 9.26
CA THR A 84 -3.18 14.98 10.10
C THR A 84 -2.57 15.69 11.33
N PRO A 85 -2.60 15.05 12.51
CA PRO A 85 -2.17 15.73 13.73
C PRO A 85 -0.65 15.94 13.85
N LYS A 86 -0.25 17.08 14.41
CA LYS A 86 1.14 17.32 14.71
C LYS A 86 1.53 16.37 15.83
N THR A 87 2.67 15.69 15.67
CA THR A 87 3.11 14.72 16.69
C THR A 87 4.63 14.77 16.94
N ASP A 88 5.04 14.43 18.16
CA ASP A 88 6.46 14.25 18.50
C ASP A 88 6.93 12.81 18.33
N HIS A 89 6.00 11.91 18.04
CA HIS A 89 6.35 10.51 17.82
C HIS A 89 7.25 10.43 16.56
N PRO A 90 8.19 9.47 16.53
CA PRO A 90 9.08 9.37 15.37
C PRO A 90 8.38 9.14 14.04
N VAL A 91 7.16 8.60 14.04
CA VAL A 91 6.43 8.47 12.81
C VAL A 91 6.35 9.81 12.03
N GLY A 92 6.31 10.93 12.74
CA GLY A 92 6.15 12.22 12.12
C GLY A 92 7.47 12.79 11.57
N SER A 93 8.59 12.12 11.78
CA SER A 93 9.84 12.61 11.20
C SER A 93 10.50 11.61 10.28
N LEU A 94 9.93 10.42 10.15
CA LEU A 94 10.53 9.37 9.33
C LEU A 94 10.57 9.69 7.84
N LEU A 95 9.47 10.23 7.30
CA LEU A 95 9.40 10.44 5.84
C LEU A 95 10.54 11.32 5.35
N LYS A 96 10.81 12.39 6.05
CA LYS A 96 11.88 13.30 5.65
C LYS A 96 13.25 12.58 5.68
N GLU A 97 13.46 11.71 6.65
CA GLU A 97 14.73 10.97 6.74
C GLU A 97 14.87 9.98 5.58
N VAL A 98 13.76 9.37 5.21
CA VAL A 98 13.69 8.42 4.08
C VAL A 98 14.02 9.12 2.75
N HIS A 99 13.40 10.28 2.52
CA HIS A 99 13.57 10.97 1.25
C HIS A 99 14.99 11.50 1.10
N GLU A 100 15.60 11.87 2.22
CA GLU A 100 16.97 12.41 2.25
C GLU A 100 18.00 11.28 2.03
N ASN A 101 17.74 10.07 2.54
CA ASN A 101 18.78 9.04 2.64
C ASN A 101 18.58 7.81 1.77
N LEU A 102 17.38 7.64 1.21
CA LEU A 102 17.11 6.59 0.24
C LEU A 102 16.87 7.27 -1.12
N PRO A 103 17.02 6.52 -2.24
CA PRO A 103 16.90 7.15 -3.56
C PRO A 103 15.41 7.32 -4.00
N ILE A 104 14.67 8.12 -3.25
CA ILE A 104 13.23 8.27 -3.47
C ILE A 104 12.97 9.19 -4.66
N THR A 105 12.14 8.74 -5.61
CA THR A 105 11.86 9.49 -6.82
C THR A 105 10.39 9.91 -7.01
N SER A 106 9.48 9.27 -6.28
CA SER A 106 8.09 9.70 -6.25
C SER A 106 7.45 9.33 -4.90
N CYS A 107 6.19 9.73 -4.69
CA CYS A 107 5.53 9.41 -3.46
C CYS A 107 4.04 9.20 -3.70
N GLY A 108 3.32 9.00 -2.62
CA GLY A 108 1.91 8.79 -2.68
C GLY A 108 1.25 9.05 -1.32
N VAL A 109 -0.07 9.15 -1.37
CA VAL A 109 -0.89 9.36 -0.15
C VAL A 109 -2.08 8.45 -0.17
N ASP A 110 -2.57 8.10 1.03
CA ASP A 110 -3.77 7.28 1.19
C ASP A 110 -4.68 7.98 2.17
N PHE A 111 -5.97 7.98 1.86
CA PHE A 111 -6.96 8.42 2.86
C PHE A 111 -8.20 7.53 2.81
N GLY A 112 -8.83 7.37 3.96
CA GLY A 112 -10.13 6.77 4.05
C GLY A 112 -11.20 7.81 3.79
N VAL A 113 -12.25 7.39 3.09
CA VAL A 113 -13.41 8.26 2.87
C VAL A 113 -14.11 8.62 4.20
N ALA A 114 -13.98 7.78 5.22
CA ALA A 114 -14.50 8.03 6.58
C ALA A 114 -13.39 8.46 7.56
N GLY A 115 -12.20 7.88 7.41
CA GLY A 115 -11.08 8.11 8.32
C GLY A 115 -10.22 9.33 8.02
N GLY A 116 -10.22 9.81 6.78
CA GLY A 116 -9.33 10.88 6.41
C GLY A 116 -7.89 10.41 6.21
N PHE A 117 -6.98 11.35 6.25
CA PHE A 117 -5.58 11.12 5.84
C PHE A 117 -4.92 10.08 6.75
N THR A 118 -4.31 9.05 6.17
CA THR A 118 -3.73 7.97 6.99
C THR A 118 -2.30 7.59 6.67
N LYS A 119 -1.88 7.56 5.38
CA LYS A 119 -0.57 7.02 5.00
C LYS A 119 0.09 7.80 3.90
N THR A 120 1.40 7.71 3.87
CA THR A 120 2.20 8.11 2.75
C THR A 120 3.01 6.91 2.26
N TRP A 121 3.37 6.97 0.98
CA TRP A 121 4.30 6.01 0.38
C TRP A 121 5.45 6.80 -0.22
N SER A 122 6.63 6.21 -0.19
CA SER A 122 7.87 6.80 -0.71
C SER A 122 8.47 5.75 -1.67
N PHE A 123 8.63 6.09 -2.95
CA PHE A 123 8.99 5.13 -4.00
C PHE A 123 10.39 5.41 -4.53
N PRO A 124 11.29 4.42 -4.37
CA PRO A 124 12.54 4.44 -5.16
C PRO A 124 12.28 4.11 -6.64
N SER A 125 13.22 4.40 -7.53
CA SER A 125 13.15 3.86 -8.91
C SER A 125 13.66 2.41 -8.98
N ALA A 126 13.11 1.64 -9.93
CA ALA A 126 13.50 0.24 -10.12
C ALA A 126 14.99 0.11 -10.39
N GLU A 127 15.59 1.15 -10.99
CA GLU A 127 17.01 1.19 -11.26
C GLU A 127 17.85 1.22 -9.97
N LYS A 128 17.29 1.77 -8.89
CA LYS A 128 18.03 1.85 -7.62
C LYS A 128 17.12 1.67 -6.40
N LEU A 129 17.01 0.45 -5.93
CA LEU A 129 16.08 0.11 -4.86
C LEU A 129 16.64 0.51 -3.47
N GLY A 130 15.76 0.65 -2.49
CA GLY A 130 16.18 0.93 -1.12
C GLY A 130 16.74 -0.30 -0.40
N LYS A 131 17.52 -0.06 0.66
CA LYS A 131 18.14 -1.14 1.43
C LYS A 131 17.76 -1.05 2.91
N VAL A 132 17.48 -2.19 3.50
CA VAL A 132 17.36 -2.25 4.96
C VAL A 132 18.58 -1.60 5.66
N SER A 133 19.80 -1.80 5.14
CA SER A 133 20.97 -1.19 5.72
C SER A 133 20.91 0.34 5.70
N GLU A 134 20.23 0.96 4.74
CA GLU A 134 20.05 2.40 4.76
C GLU A 134 19.00 2.79 5.83
N LEU A 135 17.92 2.04 5.87
CA LEU A 135 16.81 2.32 6.79
C LEU A 135 17.23 2.29 8.27
N VAL A 136 18.09 1.37 8.67
CA VAL A 136 18.44 1.17 10.09
C VAL A 136 19.23 2.34 10.66
N LYS A 137 19.77 3.19 9.78
CA LYS A 137 20.54 4.32 10.21
C LYS A 137 19.71 5.53 10.55
N LEU A 138 18.43 5.52 10.22
CA LEU A 138 17.64 6.71 10.28
C LEU A 138 17.16 6.91 11.74
N PRO A 139 17.25 8.13 12.26
CA PRO A 139 16.88 8.43 13.67
C PRO A 139 15.47 7.96 14.00
N SER A 140 14.55 8.04 13.04
CA SER A 140 13.13 7.70 13.26
C SER A 140 12.67 6.29 12.92
N ILE A 141 13.59 5.39 12.54
CA ILE A 141 13.22 4.08 12.05
C ILE A 141 12.70 3.26 13.24
N PRO A 142 11.73 2.39 13.00
CA PRO A 142 11.38 1.45 14.08
C PRO A 142 12.55 0.54 14.43
N ASP A 143 12.75 0.27 15.73
CA ASP A 143 13.72 -0.76 16.17
C ASP A 143 13.53 -2.11 15.48
N ALA A 144 12.29 -2.42 15.14
CA ALA A 144 11.95 -3.68 14.52
C ALA A 144 12.63 -3.92 13.16
N VAL A 145 13.07 -2.87 12.46
CA VAL A 145 13.77 -3.08 11.20
C VAL A 145 15.12 -3.81 11.43
N ALA A 146 15.95 -3.25 12.29
CA ALA A 146 17.24 -3.85 12.65
C ALA A 146 17.04 -5.21 13.33
N ALA A 147 16.02 -5.30 14.18
CA ALA A 147 15.69 -6.57 14.85
C ALA A 147 15.39 -7.71 13.90
N ASN A 148 14.87 -7.38 12.72
CA ASN A 148 14.53 -8.36 11.71
C ASN A 148 15.51 -8.43 10.51
N ARG A 149 16.71 -7.92 10.70
CA ARG A 149 17.75 -7.94 9.67
C ARG A 149 18.02 -9.36 9.17
N ASP A 150 18.14 -10.29 10.10
CA ASP A 150 18.43 -11.67 9.73
C ASP A 150 17.31 -12.27 8.85
N PHE A 151 16.05 -11.94 9.14
CA PHE A 151 14.92 -12.38 8.33
C PHE A 151 15.04 -11.84 6.89
N PHE A 152 15.29 -10.54 6.75
CA PHE A 152 15.37 -9.94 5.41
C PHE A 152 16.54 -10.55 4.61
N GLU A 153 17.68 -10.75 5.26
CA GLU A 153 18.84 -11.31 4.56
C GLU A 153 18.65 -12.80 4.25
N LYS A 154 18.00 -13.54 5.15
CA LYS A 154 17.74 -14.97 4.92
C LYS A 154 16.96 -15.15 3.62
N TRP A 155 15.97 -14.31 3.40
CA TRP A 155 15.10 -14.43 2.25
C TRP A 155 15.56 -13.68 1.01
N GLY A 156 16.71 -13.03 1.12
CA GLY A 156 17.39 -12.38 0.00
C GLY A 156 16.75 -11.07 -0.47
N ILE A 157 16.02 -10.40 0.42
CA ILE A 157 15.19 -9.24 0.05
C ILE A 157 15.73 -7.94 0.68
N ALA A 158 16.83 -8.01 1.42
CA ALA A 158 17.26 -6.84 2.20
C ALA A 158 17.66 -5.63 1.33
N ASP A 159 18.13 -5.87 0.10
CA ASP A 159 18.52 -4.80 -0.80
C ASP A 159 17.49 -4.48 -1.90
N MET A 160 16.24 -4.88 -1.72
CA MET A 160 15.24 -4.64 -2.75
C MET A 160 13.95 -4.03 -2.26
N VAL A 161 14.09 -3.12 -1.31
CA VAL A 161 12.95 -2.32 -0.85
C VAL A 161 12.43 -1.49 -2.02
N SER A 162 11.19 -1.77 -2.41
CA SER A 162 10.58 -1.08 -3.56
C SER A 162 9.60 0.06 -3.13
N THR A 163 9.19 0.07 -1.88
CA THR A 163 8.36 1.13 -1.32
C THR A 163 8.50 1.17 0.20
N VAL A 164 8.44 2.37 0.77
CA VAL A 164 8.30 2.54 2.22
C VAL A 164 6.95 3.22 2.46
N GLY A 165 6.08 2.53 3.19
CA GLY A 165 4.77 3.08 3.59
C GLY A 165 4.83 3.50 5.05
N ILE A 166 4.17 4.59 5.38
CA ILE A 166 4.11 5.10 6.74
C ILE A 166 2.65 5.38 7.06
N ASP A 167 2.13 4.69 8.07
CA ASP A 167 0.75 4.90 8.54
C ASP A 167 0.74 5.74 9.82
N TYR A 168 0.30 6.98 9.67
CA TYR A 168 0.26 7.98 10.71
C TYR A 168 -0.86 7.74 11.71
N SER A 169 -1.88 7.03 11.28
CA SER A 169 -3.04 6.77 12.12
C SER A 169 -2.76 5.59 13.05
N LYS A 170 -2.12 4.54 12.51
CA LYS A 170 -1.79 3.34 13.29
C LYS A 170 -0.36 3.39 13.90
N ARG A 171 0.46 4.34 13.47
CA ARG A 171 1.88 4.38 13.88
C ARG A 171 2.61 3.09 13.48
N THR A 172 2.55 2.80 12.18
CA THR A 172 3.21 1.61 11.67
C THR A 172 3.90 1.97 10.38
N MET A 173 4.75 1.07 9.89
CA MET A 173 5.40 1.28 8.63
C MET A 173 5.40 -0.04 7.86
N ASN A 174 5.30 0.06 6.54
CA ASN A 174 5.31 -1.09 5.65
C ASN A 174 6.55 -1.00 4.83
N LEU A 175 7.21 -2.14 4.65
CA LEU A 175 8.27 -2.24 3.71
C LEU A 175 7.82 -3.20 2.61
N TYR A 176 7.90 -2.73 1.36
CA TYR A 176 7.47 -3.50 0.21
C TYR A 176 8.67 -3.98 -0.59
N PHE A 177 8.50 -5.14 -1.22
CA PHE A 177 9.54 -5.76 -2.03
C PHE A 177 8.89 -6.35 -3.29
N GLY A 178 9.54 -6.14 -4.44
CA GLY A 178 9.02 -6.54 -5.75
C GLY A 178 8.19 -5.47 -6.45
N GLY A 179 7.80 -5.71 -7.70
CA GLY A 179 6.80 -4.84 -8.36
C GLY A 179 7.36 -3.92 -9.43
N GLY A 180 8.65 -3.64 -9.33
CA GLY A 180 9.35 -2.86 -10.35
C GLY A 180 9.65 -3.63 -11.61
N VAL A 181 9.87 -2.92 -12.70
CA VAL A 181 10.25 -3.54 -13.95
C VAL A 181 11.63 -4.18 -13.78
N GLY A 182 11.77 -5.39 -14.32
CA GLY A 182 13.02 -6.15 -14.29
C GLY A 182 13.47 -6.61 -12.90
N ASP A 183 12.61 -6.47 -11.90
CA ASP A 183 12.97 -6.84 -10.52
C ASP A 183 12.24 -8.11 -10.12
N ARG A 184 12.88 -8.94 -9.30
CA ARG A 184 12.21 -10.14 -8.75
C ARG A 184 12.54 -10.44 -7.28
N VAL A 185 11.50 -10.59 -6.48
CA VAL A 185 11.60 -11.28 -5.17
C VAL A 185 11.98 -12.77 -5.46
N PRO A 186 12.83 -13.38 -4.62
CA PRO A 186 13.20 -14.77 -4.91
C PRO A 186 12.03 -15.75 -4.95
N ALA A 187 12.08 -16.69 -5.90
CA ALA A 187 10.96 -17.59 -6.23
C ALA A 187 10.39 -18.34 -5.02
N GLY A 188 11.28 -18.77 -4.13
CA GLY A 188 10.91 -19.60 -3.00
C GLY A 188 10.01 -18.92 -1.99
N VAL A 189 9.99 -17.58 -1.98
CA VAL A 189 9.09 -16.83 -1.12
C VAL A 189 7.60 -17.11 -1.45
N PHE A 190 7.32 -17.54 -2.68
CA PHE A 190 5.97 -17.70 -3.20
C PHE A 190 5.49 -19.17 -3.25
N GLU A 191 6.41 -20.10 -2.96
CA GLU A 191 6.14 -21.52 -2.99
C GLU A 191 5.77 -21.97 -1.59
N GLU A 192 4.94 -23.01 -1.52
CA GLU A 192 4.31 -23.43 -0.26
C GLU A 192 5.31 -23.56 0.88
N LYS A 193 6.44 -24.21 0.62
CA LYS A 193 7.48 -24.39 1.65
C LYS A 193 7.92 -23.06 2.28
N GLY A 194 8.16 -22.07 1.43
CA GLY A 194 8.62 -20.76 1.84
C GLY A 194 7.54 -19.98 2.58
N VAL A 195 6.30 -20.06 2.06
CA VAL A 195 5.19 -19.32 2.63
C VAL A 195 5.01 -19.83 4.06
N ARG A 196 5.01 -21.16 4.22
CA ARG A 196 4.89 -21.74 5.55
C ARG A 196 6.03 -21.36 6.48
N ALA A 197 7.26 -21.36 5.96
CA ALA A 197 8.44 -21.02 6.74
C ALA A 197 8.42 -19.56 7.19
N ILE A 198 7.95 -18.68 6.31
CA ILE A 198 7.96 -17.26 6.60
C ILE A 198 6.92 -16.96 7.67
N LEU A 199 5.71 -17.49 7.48
CA LEU A 199 4.64 -17.18 8.43
C LEU A 199 4.92 -17.83 9.80
N GLY A 200 5.56 -19.00 9.78
CA GLY A 200 6.02 -19.72 10.98
C GLY A 200 7.03 -18.89 11.76
N GLU A 201 8.12 -18.47 11.10
CA GLU A 201 9.17 -17.64 11.69
C GLU A 201 8.60 -16.39 12.32
N LEU A 202 7.65 -15.76 11.66
CA LEU A 202 7.14 -14.46 12.08
C LEU A 202 6.02 -14.56 13.12
N GLY A 203 5.67 -15.77 13.53
CA GLY A 203 4.59 -16.01 14.48
C GLY A 203 3.24 -15.58 13.98
N LEU A 204 2.98 -15.83 12.70
CA LEU A 204 1.71 -15.47 12.08
C LEU A 204 0.89 -16.74 11.87
N ALA A 205 -0.38 -16.54 11.53
CA ALA A 205 -1.29 -17.64 11.28
C ALA A 205 -0.75 -18.49 10.14
N ALA A 206 -0.91 -19.80 10.26
CA ALA A 206 -0.52 -20.71 9.18
C ALA A 206 -1.36 -20.41 7.94
N PRO A 207 -0.77 -20.64 6.76
CA PRO A 207 -1.45 -20.20 5.53
C PRO A 207 -2.61 -21.09 5.15
N SER A 208 -3.73 -20.46 4.82
CA SER A 208 -4.88 -21.17 4.34
C SER A 208 -4.60 -21.72 2.93
N GLU A 209 -5.41 -22.64 2.47
CA GLU A 209 -5.20 -23.19 1.12
C GLU A 209 -5.39 -22.07 0.09
N GLU A 210 -6.35 -21.18 0.37
CA GLU A 210 -6.62 -19.97 -0.42
C GLU A 210 -5.36 -19.14 -0.54
N LEU A 211 -4.72 -18.83 0.59
CA LEU A 211 -3.49 -18.05 0.54
C LEU A 211 -2.41 -18.78 -0.26
N LEU A 212 -2.27 -20.07 -0.04
CA LEU A 212 -1.22 -20.83 -0.73
C LEU A 212 -1.40 -20.79 -2.25
N LYS A 213 -2.62 -20.92 -2.71
CA LYS A 213 -2.92 -20.85 -4.15
C LYS A 213 -2.71 -19.43 -4.72
N PHE A 214 -3.18 -18.45 -3.95
CA PHE A 214 -2.97 -17.06 -4.24
C PHE A 214 -1.50 -16.63 -4.31
N CYS A 215 -0.67 -17.09 -3.36
CA CYS A 215 0.76 -16.79 -3.37
C CYS A 215 1.46 -17.22 -4.66
N GLU A 216 0.96 -18.29 -5.29
CA GLU A 216 1.58 -18.80 -6.52
C GLU A 216 1.64 -17.69 -7.58
N ARG A 217 0.65 -16.80 -7.54
CA ARG A 217 0.47 -15.74 -8.52
C ARG A 217 1.14 -14.43 -8.15
N SER A 218 1.81 -14.37 -7.01
CA SER A 218 2.25 -13.09 -6.42
C SER A 218 3.67 -12.74 -6.84
N PHE A 219 3.93 -11.44 -7.00
CA PHE A 219 5.34 -11.01 -7.12
C PHE A 219 5.66 -9.81 -6.24
N VAL A 220 4.75 -9.42 -5.34
CA VAL A 220 5.00 -8.36 -4.35
C VAL A 220 4.63 -8.87 -2.96
N ILE A 221 5.49 -8.57 -2.00
CA ILE A 221 5.26 -8.88 -0.59
C ILE A 221 5.48 -7.60 0.19
N TYR A 222 4.84 -7.51 1.35
CA TYR A 222 5.21 -6.46 2.29
C TYR A 222 5.00 -6.84 3.75
N VAL A 223 5.85 -6.25 4.59
CA VAL A 223 5.81 -6.51 6.01
C VAL A 223 5.37 -5.22 6.70
N THR A 224 4.61 -5.33 7.75
CA THR A 224 4.21 -4.18 8.58
C THR A 224 4.89 -4.28 9.92
N LEU A 225 5.46 -3.15 10.36
CA LEU A 225 6.24 -3.09 11.59
C LEU A 225 5.73 -1.90 12.42
N SER A 226 5.91 -1.97 13.73
CA SER A 226 5.52 -0.86 14.59
C SER A 226 6.73 -0.44 15.44
N TRP A 227 6.62 0.71 16.08
CA TRP A 227 7.67 1.24 16.94
C TRP A 227 7.67 0.61 18.33
N ASP A 228 6.57 -0.05 18.71
CA ASP A 228 6.38 -0.53 20.07
C ASP A 228 6.68 -2.01 20.29
N SER A 229 7.06 -2.71 19.22
CA SER A 229 7.36 -4.13 19.30
C SER A 229 8.45 -4.42 18.31
N PRO A 230 9.32 -5.40 18.61
CA PRO A 230 10.32 -5.86 17.65
C PRO A 230 9.75 -6.79 16.60
N LYS A 231 8.51 -7.23 16.77
CA LYS A 231 7.96 -8.30 15.91
C LYS A 231 7.27 -7.72 14.69
N ILE A 232 7.43 -8.37 13.54
CA ILE A 232 6.65 -8.03 12.38
C ILE A 232 5.18 -8.38 12.70
N ASN A 233 4.27 -7.43 12.45
CA ASN A 233 2.86 -7.49 12.84
C ASN A 233 2.05 -8.23 11.80
N ARG A 234 2.45 -8.05 10.54
CA ARG A 234 1.82 -8.69 9.42
C ARG A 234 2.68 -8.84 8.21
N PHE A 235 2.30 -9.83 7.41
CA PHE A 235 3.02 -10.15 6.18
C PHE A 235 1.94 -10.34 5.14
N THR A 236 2.04 -9.58 4.02
CA THR A 236 1.02 -9.55 3.00
C THR A 236 1.62 -9.90 1.64
N TYR A 237 0.91 -10.76 0.91
CA TYR A 237 1.17 -11.06 -0.49
C TYR A 237 0.17 -10.31 -1.39
N SER A 238 0.65 -9.76 -2.53
CA SER A 238 -0.22 -9.06 -3.49
C SER A 238 -0.07 -9.69 -4.84
N VAL A 239 -1.16 -9.62 -5.61
CA VAL A 239 -1.25 -10.17 -6.96
C VAL A 239 -1.87 -9.08 -7.83
N MET A 240 -1.32 -8.89 -9.01
CA MET A 240 -1.90 -7.97 -9.95
C MET A 240 -2.60 -8.79 -11.02
N THR A 241 -3.78 -8.33 -11.43
CA THR A 241 -4.57 -9.04 -12.43
C THR A 241 -5.70 -8.20 -12.99
N PRO A 242 -5.96 -8.31 -14.31
CA PRO A 242 -7.17 -7.76 -14.87
C PRO A 242 -8.40 -8.65 -14.63
N GLU A 243 -8.19 -9.86 -14.12
CA GLU A 243 -9.27 -10.85 -13.99
C GLU A 243 -9.43 -11.31 -12.52
N PRO A 244 -9.85 -10.40 -11.63
CA PRO A 244 -9.93 -10.78 -10.22
C PRO A 244 -10.95 -11.89 -9.94
N LEU A 245 -11.98 -12.03 -10.79
CA LEU A 245 -12.95 -13.15 -10.67
C LEU A 245 -12.27 -14.50 -10.92
N GLY A 246 -11.06 -14.49 -11.47
CA GLY A 246 -10.32 -15.74 -11.66
C GLY A 246 -9.35 -16.08 -10.54
N LEU A 247 -9.16 -15.19 -9.55
CA LEU A 247 -8.26 -15.48 -8.43
C LEU A 247 -8.83 -16.66 -7.65
N PRO A 248 -7.94 -17.45 -7.02
CA PRO A 248 -8.34 -18.68 -6.35
C PRO A 248 -8.75 -18.42 -4.88
N VAL A 249 -9.71 -17.51 -4.73
CA VAL A 249 -10.23 -17.07 -3.44
C VAL A 249 -11.77 -17.08 -3.51
N ASP A 250 -12.43 -17.20 -2.35
CA ASP A 250 -13.87 -17.00 -2.26
C ASP A 250 -14.08 -15.52 -1.99
N LEU A 251 -14.44 -14.78 -3.03
CA LEU A 251 -14.52 -13.31 -2.97
C LEU A 251 -15.67 -12.81 -2.10
N ALA A 252 -15.39 -11.85 -1.24
CA ALA A 252 -16.43 -11.27 -0.40
C ALA A 252 -17.45 -10.55 -1.27
N PRO A 253 -18.72 -10.47 -0.83
CA PRO A 253 -19.76 -9.79 -1.63
C PRO A 253 -19.43 -8.32 -2.00
N THR A 254 -18.86 -7.54 -1.08
CA THR A 254 -18.46 -6.18 -1.37
C THR A 254 -17.40 -6.14 -2.49
N PHE A 255 -16.46 -7.09 -2.46
CA PHE A 255 -15.43 -7.19 -3.49
C PHE A 255 -16.05 -7.51 -4.85
N GLU A 256 -17.00 -8.44 -4.89
CA GLU A 256 -17.70 -8.73 -6.17
C GLU A 256 -18.44 -7.51 -6.73
N ARG A 257 -19.05 -6.73 -5.84
CA ARG A 257 -19.72 -5.51 -6.27
C ARG A 257 -18.74 -4.44 -6.74
N LEU A 258 -17.62 -4.24 -6.05
CA LEU A 258 -16.63 -3.29 -6.53
C LEU A 258 -16.14 -3.70 -7.92
N ILE A 259 -15.99 -4.99 -8.14
CA ILE A 259 -15.50 -5.50 -9.44
C ILE A 259 -16.55 -5.23 -10.53
N LYS A 260 -17.79 -5.60 -10.26
CA LYS A 260 -18.83 -5.55 -11.24
C LYS A 260 -19.56 -4.19 -11.34
N SER A 261 -19.59 -3.42 -10.26
CA SER A 261 -20.46 -2.24 -10.21
C SER A 261 -19.79 -0.91 -9.93
N ALA A 262 -18.46 -0.83 -10.00
CA ALA A 262 -17.78 0.44 -9.83
C ALA A 262 -18.32 1.43 -10.86
N PRO A 263 -18.38 2.73 -10.51
CA PRO A 263 -18.89 3.74 -11.43
C PRO A 263 -17.87 4.23 -12.48
N TYR A 264 -16.89 3.39 -12.82
CA TYR A 264 -15.89 3.67 -13.86
C TYR A 264 -15.40 2.34 -14.43
N ASP A 265 -14.63 2.38 -15.52
CA ASP A 265 -13.90 1.21 -16.05
C ASP A 265 -12.44 1.25 -15.58
N THR A 266 -11.90 0.14 -15.09
CA THR A 266 -10.53 0.14 -14.56
C THR A 266 -9.47 0.33 -15.65
N GLU A 267 -8.29 0.80 -15.24
CA GLU A 267 -7.19 1.13 -16.16
C GLU A 267 -5.89 0.51 -15.67
N GLY A 268 -4.92 0.33 -16.57
CA GLY A 268 -3.55 0.06 -16.13
C GLY A 268 -3.31 -1.30 -15.47
N ARG A 269 -2.95 -1.28 -14.19
CA ARG A 269 -2.88 -2.52 -13.37
C ARG A 269 -4.24 -3.24 -13.26
N ASN A 270 -5.29 -2.44 -13.36
CA ASN A 270 -6.68 -2.86 -13.24
C ASN A 270 -7.03 -3.21 -11.81
N TYR A 271 -6.46 -4.31 -11.29
CA TYR A 271 -6.62 -4.71 -9.89
C TYR A 271 -5.35 -5.19 -9.24
N VAL A 272 -5.16 -4.78 -7.98
CA VAL A 272 -4.14 -5.34 -7.12
C VAL A 272 -4.86 -5.91 -5.89
N TYR A 273 -4.71 -7.22 -5.70
CA TYR A 273 -5.35 -7.92 -4.60
C TYR A 273 -4.29 -8.30 -3.58
N GLY A 274 -4.66 -8.26 -2.30
CA GLY A 274 -3.73 -8.61 -1.23
C GLY A 274 -4.36 -9.55 -0.22
N ILE A 275 -3.58 -10.50 0.31
CA ILE A 275 -4.03 -11.27 1.48
C ILE A 275 -2.98 -11.01 2.55
N ALA A 276 -3.43 -10.41 3.65
CA ALA A 276 -2.61 -10.14 4.82
C ALA A 276 -2.70 -11.26 5.84
N SER A 277 -1.54 -11.65 6.39
CA SER A 277 -1.50 -12.59 7.49
C SER A 277 -1.07 -11.87 8.76
N THR A 278 -1.80 -12.12 9.84
CA THR A 278 -1.53 -11.55 11.16
C THR A 278 -1.37 -12.71 12.15
N PRO A 279 -1.04 -12.41 13.43
CA PRO A 279 -0.96 -13.52 14.42
C PRO A 279 -2.28 -14.27 14.68
N LYS A 280 -3.40 -13.66 14.31
CA LYS A 280 -4.70 -14.17 14.64
C LYS A 280 -5.52 -14.64 13.41
N GLY A 281 -5.04 -14.42 12.19
CA GLY A 281 -5.74 -14.91 11.00
C GLY A 281 -5.27 -14.25 9.74
N GLU A 282 -6.19 -14.09 8.78
CA GLU A 282 -5.92 -13.45 7.49
C GLU A 282 -7.07 -12.48 7.14
N TYR A 283 -6.78 -11.49 6.32
CA TYR A 283 -7.82 -10.68 5.70
C TYR A 283 -7.37 -10.24 4.31
N HIS A 284 -8.33 -9.80 3.54
CA HIS A 284 -8.18 -9.59 2.10
C HIS A 284 -8.36 -8.11 1.82
N LYS A 285 -7.74 -7.68 0.73
CA LYS A 285 -7.84 -6.34 0.21
C LYS A 285 -7.88 -6.40 -1.31
N ILE A 286 -8.63 -5.48 -1.90
CA ILE A 286 -8.64 -5.34 -3.35
C ILE A 286 -8.64 -3.89 -3.74
N ALA A 287 -7.73 -3.53 -4.64
CA ALA A 287 -7.65 -2.17 -5.17
C ALA A 287 -8.04 -2.20 -6.63
N SER A 288 -8.97 -1.31 -6.98
CA SER A 288 -9.50 -1.12 -8.31
C SER A 288 -8.94 0.22 -8.82
N TYR A 289 -8.29 0.17 -9.98
CA TYR A 289 -7.63 1.35 -10.58
C TYR A 289 -8.52 2.24 -11.46
N TYR A 290 -8.72 3.48 -11.00
CA TYR A 290 -9.59 4.45 -11.64
C TYR A 290 -8.78 5.25 -12.66
N GLN A 291 -7.55 5.64 -12.30
CA GLN A 291 -6.74 6.52 -13.16
C GLN A 291 -5.31 6.00 -13.22
N TRP A 292 -4.86 5.69 -14.42
CA TRP A 292 -3.52 5.16 -14.64
C TRP A 292 -2.72 6.24 -15.32
N GLN A 293 -1.42 6.04 -15.44
CA GLN A 293 -0.57 6.98 -16.14
C GLN A 293 0.39 6.13 -16.95
N LYS A 294 0.49 6.39 -18.25
CA LYS A 294 1.30 5.56 -19.14
C LYS A 294 2.77 5.62 -18.79
N ARG A 295 3.25 6.78 -18.35
CA ARG A 295 4.66 6.98 -18.02
C ARG A 295 5.14 6.07 -16.88
N VAL A 296 4.20 5.55 -16.08
CA VAL A 296 4.51 4.64 -15.00
C VAL A 296 4.88 3.24 -15.46
N GLU A 297 4.47 2.88 -16.69
CA GLU A 297 4.79 1.54 -17.22
C GLU A 297 6.30 1.29 -17.38
N LYS A 298 7.10 2.35 -17.51
CA LYS A 298 8.56 2.22 -17.55
C LYS A 298 9.17 1.79 -16.20
N LEU A 299 8.45 2.04 -15.11
CA LEU A 299 8.94 1.82 -13.75
C LEU A 299 8.27 0.64 -13.04
N LEU A 300 6.99 0.39 -13.35
CA LEU A 300 6.22 -0.60 -12.60
C LEU A 300 5.71 -1.70 -13.54
N ARG A 301 5.74 -2.94 -13.06
CA ARG A 301 5.13 -4.05 -13.78
C ARG A 301 3.63 -3.87 -13.69
N SER A 302 2.93 -4.06 -14.81
CA SER A 302 1.53 -3.64 -14.90
C SER A 302 0.58 -4.53 -15.74
N ASP A 303 1.08 -5.65 -16.24
CA ASP A 303 0.22 -6.71 -16.74
C ASP A 303 0.14 -7.74 -15.62
N GLY A 304 -0.91 -8.56 -15.62
CA GLY A 304 -1.17 -9.49 -14.53
C GLY A 304 -1.39 -10.90 -15.02
#